data_2SIM
#
_entry.id   2SIM
#
_cell.length_a   47.600
_cell.length_b   82.500
_cell.length_c   91.900
_cell.angle_alpha   90.00
_cell.angle_beta   90.00
_cell.angle_gamma   90.00
#
_symmetry.space_group_name_H-M   'P 21 21 21'
#
loop_
_entity.id
_entity.type
_entity.pdbx_description
1 polymer SIALIDASE
2 non-polymer '2-DEOXY-2,3-DEHYDRO-N-ACETYL-NEURAMINIC ACID'
3 water water
#
_entity_poly.entity_id   1
_entity_poly.type   'polypeptide(L)'
_entity_poly.pdbx_seq_one_letter_code
;TVEKSVVFKAEGEHFTDQKGNTIVGSGSGGTTKYFRIPAMCTTSKGTIVVFADARHNTASDQSFIDTAAARSTDGGKTWN
KKIAIYNDRVNSKLSRVMDPTCIVANIQGRETILVMVGKWNNNDKTWGAYRDKAPDTDWDLVLYKSTDDGVTFSKVETNI
HDIVTKNGTISAMLGGVGSGLQLNDGKLVFPVQMVRTKNITTVLNTSFIYSTDGITWSLPSGYCEGFGSENNIIEFNASL
VNNIRNSGLRRSFETKDFGKTWTEFPPMDKKVDNRNHGVQGSTITIPSGNKLVAAHSSAQNKNNDYTRSDISLYAHNLYS
GEVKLIDDFYPKVGNASGAGYSCLSYRKNVDKETLYVVYEANGSIEFQDLSRHLPVIKSYN
;
_entity_poly.pdbx_strand_id   A
#
loop_
_chem_comp.id
_chem_comp.type
_chem_comp.name
_chem_comp.formula
DAN D-saccharide '2-DEOXY-2,3-DEHYDRO-N-ACETYL-NEURAMINIC ACID' 'C11 H17 N O8'
#
# COMPACT_ATOMS: atom_id res chain seq x y z
N THR A 1 12.18 3.69 -16.11
CA THR A 1 13.04 4.20 -17.14
C THR A 1 14.53 4.11 -16.74
N VAL A 2 14.86 3.65 -15.49
CA VAL A 2 16.15 2.92 -15.27
C VAL A 2 15.61 1.46 -15.26
N GLU A 3 16.33 0.39 -15.62
CA GLU A 3 15.69 -0.91 -15.44
C GLU A 3 15.61 -1.30 -13.96
N LYS A 4 16.56 -0.87 -13.09
CA LYS A 4 16.63 -1.28 -11.68
C LYS A 4 17.34 -0.24 -10.84
N SER A 5 16.84 0.22 -9.71
CA SER A 5 17.63 1.13 -8.89
C SER A 5 17.28 0.96 -7.42
N VAL A 6 18.11 1.41 -6.51
CA VAL A 6 17.79 1.37 -5.08
C VAL A 6 17.17 2.73 -4.71
N VAL A 7 16.00 2.70 -4.11
CA VAL A 7 15.30 3.92 -3.74
C VAL A 7 15.79 4.41 -2.36
N PHE A 8 15.71 3.51 -1.38
CA PHE A 8 16.12 3.85 -0.02
C PHE A 8 17.09 2.76 0.35
N LYS A 9 18.26 3.10 0.89
CA LYS A 9 19.30 2.13 1.20
C LYS A 9 19.38 1.84 2.69
N ALA A 10 19.15 0.59 3.12
CA ALA A 10 19.26 0.21 4.53
C ALA A 10 20.65 0.61 5.03
N GLU A 11 20.71 1.24 6.22
CA GLU A 11 21.94 1.78 6.80
C GLU A 11 22.69 2.70 5.87
N GLY A 12 22.00 3.33 4.92
CA GLY A 12 22.66 4.22 3.98
C GLY A 12 21.94 5.54 3.76
N GLU A 13 20.87 5.86 4.54
CA GLU A 13 20.13 7.10 4.36
C GLU A 13 20.21 7.96 5.62
N HIS A 14 20.29 9.28 5.50
CA HIS A 14 20.24 10.13 6.69
C HIS A 14 19.05 11.07 6.53
N PHE A 15 18.14 11.24 7.48
CA PHE A 15 17.04 12.18 7.35
C PHE A 15 17.11 13.30 8.39
N THR A 16 16.51 14.45 8.18
CA THR A 16 16.46 15.48 9.20
C THR A 16 15.00 15.67 9.63
N ASP A 17 14.83 16.16 10.86
CA ASP A 17 13.51 16.44 11.38
C ASP A 17 12.99 17.84 11.00
N GLN A 18 11.90 18.25 11.66
CA GLN A 18 11.26 19.53 11.41
C GLN A 18 12.16 20.74 11.73
N LYS A 19 13.06 20.59 12.70
CA LYS A 19 13.98 21.69 13.04
C LYS A 19 15.23 21.67 12.21
N GLY A 20 15.46 20.67 11.36
CA GLY A 20 16.72 20.68 10.65
C GLY A 20 17.74 19.78 11.31
N ASN A 21 17.45 19.15 12.44
CA ASN A 21 18.45 18.26 13.06
C ASN A 21 18.47 16.86 12.45
N THR A 22 19.61 16.17 12.39
CA THR A 22 19.65 14.82 11.82
C THR A 22 18.92 13.88 12.78
N ILE A 23 18.27 12.86 12.21
CA ILE A 23 17.61 11.82 12.98
C ILE A 23 18.69 10.72 13.04
N VAL A 24 19.24 10.49 14.25
CA VAL A 24 20.27 9.46 14.45
C VAL A 24 19.54 8.12 14.68
N GLY A 25 19.61 7.25 13.67
CA GLY A 25 19.01 5.93 13.71
C GLY A 25 20.05 4.94 14.18
N SER A 26 19.69 3.65 14.16
CA SER A 26 20.56 2.57 14.60
C SER A 26 21.39 1.91 13.50
N GLY A 27 21.31 2.44 12.27
CA GLY A 27 22.18 1.93 11.22
C GLY A 27 23.59 2.48 11.41
N SER A 28 24.60 1.88 10.72
CA SER A 28 25.99 2.32 10.77
C SER A 28 25.98 3.81 10.47
N GLY A 29 26.71 4.54 11.32
CA GLY A 29 26.89 5.96 11.12
C GLY A 29 25.63 6.75 11.50
N GLY A 30 24.78 6.11 12.31
CA GLY A 30 23.54 6.74 12.74
C GLY A 30 22.52 6.84 11.61
N THR A 31 22.58 5.93 10.64
CA THR A 31 21.64 6.00 9.54
C THR A 31 20.32 5.32 9.92
N THR A 32 19.27 5.45 9.08
CA THR A 32 18.03 4.69 9.28
C THR A 32 18.37 3.18 9.06
N LYS A 33 17.97 2.38 10.02
CA LYS A 33 18.29 0.97 10.00
C LYS A 33 17.60 0.17 8.89
N TYR A 34 16.28 0.43 8.68
CA TYR A 34 15.50 -0.47 7.83
C TYR A 34 14.31 0.24 7.23
N PHE A 35 14.02 -0.15 5.99
CA PHE A 35 12.86 0.39 5.27
C PHE A 35 11.86 -0.73 4.97
N ARG A 36 10.58 -0.43 5.16
CA ARG A 36 9.53 -1.39 4.86
C ARG A 36 8.32 -0.68 4.25
N ILE A 37 7.43 -1.50 3.67
CA ILE A 37 6.09 -1.18 3.18
C ILE A 37 6.10 -0.08 2.11
N PRO A 38 6.59 -0.37 0.91
CA PRO A 38 6.68 0.59 -0.18
C PRO A 38 5.31 0.85 -0.84
N ALA A 39 4.98 2.11 -1.14
CA ALA A 39 3.79 2.49 -1.86
C ALA A 39 4.26 3.45 -2.97
N MET A 40 3.79 3.29 -4.21
CA MET A 40 4.30 4.09 -5.31
C MET A 40 3.12 4.69 -6.07
N CYS A 41 3.18 5.96 -6.45
CA CYS A 41 2.14 6.63 -7.25
C CYS A 41 2.87 7.41 -8.32
N THR A 42 2.42 7.35 -9.58
CA THR A 42 3.06 8.05 -10.69
C THR A 42 2.09 9.12 -11.21
N THR A 43 2.60 10.32 -11.48
CA THR A 43 1.72 11.43 -11.88
C THR A 43 1.68 11.56 -13.40
N SER A 44 0.83 12.47 -13.86
CA SER A 44 0.66 12.75 -15.26
C SER A 44 1.93 13.41 -15.82
N LYS A 45 2.81 13.95 -14.99
CA LYS A 45 4.06 14.52 -15.47
C LYS A 45 5.10 13.42 -15.67
N GLY A 46 4.77 12.19 -15.27
CA GLY A 46 5.78 11.13 -15.35
C GLY A 46 6.58 11.01 -14.06
N THR A 47 6.27 11.82 -13.07
CA THR A 47 6.99 11.80 -11.79
C THR A 47 6.65 10.55 -10.97
N ILE A 48 7.68 9.90 -10.40
CA ILE A 48 7.50 8.72 -9.58
C ILE A 48 7.67 9.16 -8.13
N VAL A 49 6.66 8.90 -7.28
CA VAL A 49 6.81 9.21 -5.86
C VAL A 49 6.71 7.89 -5.12
N VAL A 50 7.66 7.59 -4.25
CA VAL A 50 7.68 6.33 -3.50
C VAL A 50 7.63 6.65 -2.01
N PHE A 51 6.72 6.06 -1.27
CA PHE A 51 6.67 6.22 0.18
C PHE A 51 7.13 4.91 0.78
N ALA A 52 7.70 4.94 1.98
CA ALA A 52 8.05 3.72 2.71
C ALA A 52 8.25 4.08 4.18
N ASP A 53 8.06 3.10 5.06
CA ASP A 53 8.37 3.29 6.49
C ASP A 53 9.87 3.43 6.59
N ALA A 54 10.34 4.53 7.21
CA ALA A 54 11.75 4.68 7.58
C ALA A 54 11.78 4.20 9.06
N ARG A 55 12.17 2.94 9.27
CA ARG A 55 12.15 2.31 10.61
C ARG A 55 13.58 2.55 11.12
N HIS A 56 13.76 3.70 11.77
CA HIS A 56 15.09 4.19 12.10
C HIS A 56 15.95 3.31 12.99
N ASN A 57 15.31 2.55 13.86
CA ASN A 57 16.03 1.78 14.88
C ASN A 57 16.01 0.27 14.66
N THR A 58 14.88 -0.32 14.20
CA THR A 58 14.78 -1.76 14.00
C THR A 58 13.77 -2.00 12.90
N ALA A 59 13.77 -3.21 12.31
CA ALA A 59 12.73 -3.61 11.38
C ALA A 59 11.39 -3.84 12.09
N SER A 60 11.29 -3.82 13.42
CA SER A 60 10.08 -4.17 14.13
C SER A 60 8.93 -3.21 13.85
N ASP A 61 7.72 -3.79 13.79
CA ASP A 61 6.52 -3.01 13.59
C ASP A 61 6.31 -2.04 14.75
N GLN A 62 6.59 -2.46 16.00
CA GLN A 62 6.38 -1.54 17.12
C GLN A 62 7.72 -0.87 17.40
N SER A 63 8.03 0.19 16.68
CA SER A 63 9.28 0.89 16.88
C SER A 63 9.09 2.33 16.42
N PHE A 64 10.19 3.08 16.32
CA PHE A 64 10.23 4.49 15.98
C PHE A 64 10.29 4.66 14.46
N ILE A 65 9.20 5.13 13.87
CA ILE A 65 9.03 5.16 12.40
C ILE A 65 8.46 6.49 11.91
N ASP A 66 9.03 6.96 10.80
CA ASP A 66 8.55 8.13 10.05
C ASP A 66 8.22 7.64 8.65
N THR A 67 7.36 8.32 7.87
CA THR A 67 7.12 7.97 6.47
C THR A 67 8.10 8.78 5.61
N ALA A 68 8.95 8.07 4.87
CA ALA A 68 9.90 8.70 3.98
C ALA A 68 9.28 8.82 2.60
N ALA A 69 9.64 9.80 1.78
CA ALA A 69 9.15 9.88 0.39
C ALA A 69 10.37 10.11 -0.49
N ALA A 70 10.34 9.48 -1.66
CA ALA A 70 11.40 9.65 -2.64
C ALA A 70 10.72 10.08 -3.92
N ARG A 71 11.28 11.03 -4.65
CA ARG A 71 10.67 11.55 -5.87
C ARG A 71 11.68 11.44 -7.00
N SER A 72 11.31 10.87 -8.16
CA SER A 72 12.19 10.82 -9.31
C SER A 72 11.47 11.40 -10.53
N THR A 73 12.19 12.31 -11.20
CA THR A 73 11.66 12.95 -12.38
C THR A 73 12.45 12.47 -13.58
N ASP A 74 13.35 11.51 -13.41
CA ASP A 74 14.11 11.05 -14.55
C ASP A 74 13.87 9.56 -14.75
N GLY A 75 12.67 9.07 -14.51
CA GLY A 75 12.39 7.69 -14.82
C GLY A 75 12.97 6.65 -13.84
N GLY A 76 13.28 7.10 -12.63
CA GLY A 76 13.70 6.14 -11.63
C GLY A 76 15.20 5.97 -11.54
N LYS A 77 15.92 6.87 -12.18
CA LYS A 77 17.36 6.82 -12.18
C LYS A 77 17.93 7.45 -10.92
N THR A 78 17.43 8.59 -10.43
CA THR A 78 17.96 9.21 -9.24
C THR A 78 16.73 9.60 -8.43
N TRP A 79 16.94 9.79 -7.14
CA TRP A 79 15.82 9.92 -6.22
C TRP A 79 16.08 11.10 -5.31
N ASN A 80 15.09 11.95 -5.08
CA ASN A 80 15.26 13.10 -4.19
C ASN A 80 14.45 12.60 -2.97
N LYS A 81 15.04 12.57 -1.79
CA LYS A 81 14.45 11.93 -0.61
C LYS A 81 14.15 12.87 0.54
N LYS A 82 13.11 12.65 1.33
CA LYS A 82 12.88 13.45 2.54
C LYS A 82 11.86 12.72 3.41
N ILE A 83 11.54 13.21 4.58
CA ILE A 83 10.44 12.67 5.37
C ILE A 83 9.15 13.42 4.97
N ALA A 84 8.14 12.66 4.56
CA ALA A 84 6.88 13.27 4.24
C ALA A 84 6.01 13.43 5.48
N ILE A 85 6.00 12.47 6.40
CA ILE A 85 5.12 12.54 7.59
C ILE A 85 6.02 12.11 8.76
N TYR A 86 5.98 12.95 9.80
CA TYR A 86 6.74 12.66 11.01
C TYR A 86 5.79 12.11 12.06
N ASN A 87 6.29 11.15 12.85
CA ASN A 87 5.51 10.65 13.96
C ASN A 87 5.49 11.73 15.04
N ASP A 88 4.60 11.56 16.01
CA ASP A 88 4.39 12.58 17.03
C ASP A 88 5.51 12.77 18.03
N ARG A 89 6.47 11.84 18.14
CA ARG A 89 7.60 11.96 19.03
C ARG A 89 7.21 12.08 20.51
N VAL A 90 6.18 11.33 20.87
CA VAL A 90 5.73 11.27 22.26
C VAL A 90 6.67 10.30 22.97
N ASN A 91 7.04 9.19 22.30
CA ASN A 91 7.79 8.10 22.91
C ASN A 91 8.93 7.80 21.94
N SER A 92 10.22 7.93 22.25
CA SER A 92 11.28 7.72 21.23
C SER A 92 11.53 6.29 20.80
N LYS A 93 10.85 5.38 21.51
CA LYS A 93 10.97 3.97 21.28
C LYS A 93 9.83 3.47 20.41
N LEU A 94 8.64 4.06 20.57
CA LEU A 94 7.45 3.53 19.97
C LEU A 94 6.64 4.44 19.05
N SER A 95 6.85 5.76 19.05
CA SER A 95 6.04 6.63 18.20
C SER A 95 6.21 6.33 16.73
N ARG A 96 5.12 6.16 16.02
CA ARG A 96 5.24 5.69 14.65
C ARG A 96 4.08 6.13 13.78
N VAL A 97 4.40 6.34 12.52
CA VAL A 97 3.40 6.49 11.47
C VAL A 97 3.82 5.36 10.56
N MET A 98 2.88 4.55 10.09
CA MET A 98 3.26 3.38 9.31
C MET A 98 2.23 2.88 8.30
N ASP A 99 2.76 2.08 7.39
CA ASP A 99 2.01 1.34 6.38
C ASP A 99 1.27 2.20 5.36
N PRO A 100 2.01 2.89 4.48
CA PRO A 100 1.38 3.82 3.56
C PRO A 100 0.50 3.20 2.47
N THR A 101 -0.56 3.91 2.15
CA THR A 101 -1.32 3.62 0.95
C THR A 101 -1.39 4.96 0.20
N CYS A 102 -1.08 5.05 -1.11
CA CYS A 102 -1.15 6.34 -1.79
C CYS A 102 -2.19 6.31 -2.89
N ILE A 103 -2.67 7.48 -3.34
CA ILE A 103 -3.57 7.58 -4.49
C ILE A 103 -3.07 8.80 -5.28
N VAL A 104 -2.99 8.72 -6.61
CA VAL A 104 -2.77 9.93 -7.45
C VAL A 104 -4.11 10.09 -8.20
N ALA A 105 -4.71 11.26 -8.06
CA ALA A 105 -6.04 11.48 -8.56
C ALA A 105 -6.19 12.90 -9.09
N ASN A 106 -7.20 13.17 -9.94
CA ASN A 106 -7.49 14.55 -10.34
C ASN A 106 -8.71 14.87 -9.50
N ILE A 107 -8.65 15.77 -8.51
CA ILE A 107 -9.81 16.10 -7.68
C ILE A 107 -10.29 17.51 -8.08
N GLN A 108 -11.48 17.58 -8.66
CA GLN A 108 -12.10 18.80 -9.19
C GLN A 108 -11.13 19.61 -10.07
N GLY A 109 -10.39 18.85 -10.87
CA GLY A 109 -9.45 19.46 -11.80
C GLY A 109 -8.01 19.52 -11.29
N ARG A 110 -7.69 19.35 -10.00
CA ARG A 110 -6.32 19.42 -9.51
C ARG A 110 -5.71 18.04 -9.33
N GLU A 111 -4.55 17.82 -9.91
CA GLU A 111 -3.87 16.54 -9.74
C GLU A 111 -3.27 16.59 -8.33
N THR A 112 -3.60 15.56 -7.55
CA THR A 112 -3.27 15.46 -6.15
C THR A 112 -2.70 14.08 -5.86
N ILE A 113 -1.67 14.05 -5.01
CA ILE A 113 -1.19 12.78 -4.46
C ILE A 113 -1.61 12.74 -2.96
N LEU A 114 -2.32 11.69 -2.56
CA LEU A 114 -2.74 11.45 -1.19
C LEU A 114 -1.97 10.26 -0.58
N VAL A 115 -1.63 10.31 0.70
CA VAL A 115 -0.89 9.22 1.35
C VAL A 115 -1.60 9.10 2.70
N MET A 116 -1.97 7.89 3.06
CA MET A 116 -2.62 7.68 4.33
C MET A 116 -1.78 6.67 5.13
N VAL A 117 -1.53 6.98 6.40
CA VAL A 117 -0.77 6.10 7.28
C VAL A 117 -1.47 6.02 8.64
N GLY A 118 -1.26 4.89 9.32
CA GLY A 118 -1.74 4.68 10.67
C GLY A 118 -0.76 5.34 11.64
N LYS A 119 -1.22 5.81 12.79
CA LYS A 119 -0.36 6.51 13.76
C LYS A 119 -0.71 6.00 15.14
N TRP A 120 0.40 5.63 15.81
CA TRP A 120 0.37 5.14 17.17
C TRP A 120 1.50 5.78 17.97
N ASN A 121 1.35 5.80 19.31
CA ASN A 121 2.40 6.38 20.11
C ASN A 121 2.91 5.55 21.28
N ASN A 122 2.00 4.97 22.03
CA ASN A 122 2.39 4.25 23.24
C ASN A 122 2.07 2.79 23.16
N ASN A 123 1.38 2.28 22.13
CA ASN A 123 1.04 0.85 22.08
C ASN A 123 2.30 0.06 21.85
N ASP A 124 2.51 -1.02 22.59
CA ASP A 124 3.73 -1.75 22.36
C ASP A 124 3.38 -3.07 21.73
N LYS A 125 2.13 -3.38 21.47
CA LYS A 125 1.83 -4.68 20.89
C LYS A 125 1.27 -4.45 19.49
N THR A 126 1.11 -5.54 18.72
CA THR A 126 0.60 -5.45 17.37
C THR A 126 -0.84 -4.90 17.42
N TRP A 127 -1.21 -4.13 16.40
CA TRP A 127 -2.48 -3.41 16.46
C TRP A 127 -3.69 -4.34 16.62
N GLY A 128 -3.58 -5.61 16.20
CA GLY A 128 -4.70 -6.55 16.32
C GLY A 128 -5.00 -6.89 17.77
N ALA A 129 -4.12 -6.54 18.71
CA ALA A 129 -4.35 -6.91 20.08
C ALA A 129 -5.18 -5.88 20.81
N TYR A 130 -5.58 -4.76 20.22
CA TYR A 130 -6.26 -3.74 20.98
C TYR A 130 -7.70 -3.70 20.55
N ARG A 131 -8.59 -4.41 21.26
CA ARG A 131 -9.99 -4.51 20.85
C ARG A 131 -11.01 -4.03 21.87
N ASP A 132 -10.56 -3.37 22.95
CA ASP A 132 -11.49 -2.93 23.97
C ASP A 132 -12.27 -1.65 23.70
N LYS A 133 -11.68 -0.75 22.96
CA LYS A 133 -12.18 0.60 22.91
C LYS A 133 -12.59 0.84 21.45
N ALA A 134 -13.60 1.70 21.26
CA ALA A 134 -14.08 2.00 19.93
C ALA A 134 -14.02 3.50 19.67
N PRO A 135 -12.97 4.02 19.03
CA PRO A 135 -11.76 3.28 18.66
C PRO A 135 -10.68 3.28 19.78
N ASP A 136 -9.53 2.64 19.55
CA ASP A 136 -8.45 2.65 20.52
C ASP A 136 -7.98 4.10 20.66
N THR A 137 -7.71 4.59 21.88
CA THR A 137 -7.29 5.97 22.04
C THR A 137 -5.89 6.27 21.59
N ASP A 138 -5.03 5.25 21.45
CA ASP A 138 -3.70 5.49 20.93
C ASP A 138 -3.63 5.67 19.41
N TRP A 139 -4.66 5.15 18.72
CA TRP A 139 -4.69 5.11 17.26
C TRP A 139 -5.14 6.39 16.60
N ASP A 140 -4.64 6.61 15.37
CA ASP A 140 -5.27 7.54 14.46
C ASP A 140 -4.85 7.16 13.03
N LEU A 141 -5.56 7.68 12.04
CA LEU A 141 -5.35 7.40 10.63
C LEU A 141 -5.30 8.75 9.95
N VAL A 142 -4.11 9.13 9.48
CA VAL A 142 -3.87 10.48 8.98
C VAL A 142 -3.58 10.46 7.49
N LEU A 143 -3.98 11.56 6.87
CA LEU A 143 -4.02 11.72 5.42
C LEU A 143 -3.26 12.98 5.11
N TYR A 144 -2.27 12.91 4.25
CA TYR A 144 -1.53 14.09 3.77
C TYR A 144 -1.73 14.20 2.25
N LYS A 145 -1.64 15.38 1.67
CA LYS A 145 -1.81 15.56 0.24
C LYS A 145 -0.67 16.43 -0.33
N SER A 146 -0.42 16.25 -1.62
CA SER A 146 0.53 17.06 -2.37
C SER A 146 -0.20 17.47 -3.65
N THR A 147 -0.10 18.78 -3.92
CA THR A 147 -0.74 19.42 -5.06
C THR A 147 0.32 20.03 -5.97
N ASP A 148 1.60 19.85 -5.63
CA ASP A 148 2.73 20.34 -6.40
C ASP A 148 3.67 19.24 -6.89
N ASP A 149 3.06 18.14 -7.33
CA ASP A 149 3.71 16.99 -7.92
C ASP A 149 4.67 16.26 -6.99
N GLY A 150 4.34 16.13 -5.71
CA GLY A 150 5.11 15.32 -4.79
C GLY A 150 6.22 16.03 -4.03
N VAL A 151 6.30 17.36 -4.20
CA VAL A 151 7.37 18.10 -3.54
C VAL A 151 7.02 18.43 -2.09
N THR A 152 5.87 19.01 -1.78
CA THR A 152 5.48 19.32 -0.40
C THR A 152 4.24 18.52 -0.07
N PHE A 153 4.13 18.07 1.16
CA PHE A 153 2.97 17.34 1.60
C PHE A 153 2.37 18.06 2.78
N SER A 154 1.07 18.16 2.93
CA SER A 154 0.51 18.82 4.09
C SER A 154 -0.62 17.96 4.62
N LYS A 155 -0.97 18.09 5.90
CA LYS A 155 -2.03 17.27 6.48
C LYS A 155 -3.41 17.72 6.01
N VAL A 156 -4.28 16.76 5.74
CA VAL A 156 -5.67 17.02 5.41
C VAL A 156 -6.48 16.78 6.66
N GLU A 157 -7.34 17.74 6.96
CA GLU A 157 -8.26 17.62 8.09
C GLU A 157 -9.47 16.90 7.58
N THR A 158 -9.66 15.71 8.08
CA THR A 158 -10.60 14.74 7.58
C THR A 158 -11.73 14.45 8.61
N ASN A 159 -12.81 13.72 8.24
CA ASN A 159 -13.80 13.24 9.23
C ASN A 159 -13.59 11.74 9.46
N ILE A 160 -12.39 11.22 9.19
CA ILE A 160 -12.18 9.76 9.26
C ILE A 160 -12.25 9.26 10.71
N HIS A 161 -11.67 9.95 11.70
CA HIS A 161 -11.73 9.48 13.08
C HIS A 161 -13.23 9.52 13.52
N ASP A 162 -14.00 10.50 13.03
CA ASP A 162 -15.42 10.58 13.35
C ASP A 162 -16.23 9.47 12.76
N ILE A 163 -16.02 9.02 11.52
CA ILE A 163 -16.91 7.98 11.00
C ILE A 163 -16.60 6.62 11.64
N VAL A 164 -15.34 6.44 12.02
CA VAL A 164 -14.97 5.26 12.75
C VAL A 164 -15.65 5.31 14.15
N THR A 165 -15.51 6.40 14.90
CA THR A 165 -16.17 6.54 16.18
C THR A 165 -17.68 6.38 16.03
N LYS A 166 -18.33 7.05 15.04
CA LYS A 166 -19.77 6.91 14.87
C LYS A 166 -20.16 5.48 14.54
N ASN A 167 -19.31 4.67 13.86
CA ASN A 167 -19.63 3.27 13.55
C ASN A 167 -19.77 2.43 14.84
N GLY A 168 -18.83 2.69 15.76
CA GLY A 168 -18.89 2.16 17.09
C GLY A 168 -18.43 0.71 17.22
N THR A 169 -18.01 0.01 16.17
CA THR A 169 -17.61 -1.36 16.33
C THR A 169 -16.20 -1.58 15.78
N ILE A 170 -15.46 -0.49 15.55
CA ILE A 170 -14.14 -0.59 14.96
C ILE A 170 -13.19 -0.02 16.00
N SER A 171 -12.16 -0.81 16.31
CA SER A 171 -11.13 -0.40 17.26
C SER A 171 -10.06 0.41 16.54
N ALA A 172 -9.72 0.07 15.29
CA ALA A 172 -8.70 0.80 14.54
C ALA A 172 -8.89 0.44 13.06
N MET A 173 -8.39 1.30 12.19
CA MET A 173 -8.56 1.09 10.76
C MET A 173 -7.24 1.60 10.14
N LEU A 174 -6.91 0.97 9.03
CA LEU A 174 -5.67 1.22 8.32
C LEU A 174 -5.92 1.08 6.83
N GLY A 175 -5.14 1.74 5.95
CA GLY A 175 -5.28 1.53 4.51
C GLY A 175 -4.85 0.10 4.14
N GLY A 176 -5.27 -0.37 2.97
CA GLY A 176 -4.99 -1.74 2.52
C GLY A 176 -3.54 -2.03 2.17
N VAL A 177 -2.74 -0.94 2.06
CA VAL A 177 -1.32 -0.89 1.79
C VAL A 177 -1.04 -1.01 0.29
N GLY A 178 -0.26 -0.01 -0.12
CA GLY A 178 0.12 0.09 -1.52
C GLY A 178 -0.55 1.29 -2.12
N SER A 179 -1.56 1.08 -2.95
CA SER A 179 -2.20 2.18 -3.61
C SER A 179 -3.70 1.94 -3.62
N GLY A 180 -4.43 3.06 -3.64
CA GLY A 180 -5.87 3.10 -3.77
C GLY A 180 -6.20 3.50 -5.21
N LEU A 181 -7.40 4.00 -5.46
CA LEU A 181 -7.77 4.30 -6.82
C LEU A 181 -8.77 5.44 -6.92
N GLN A 182 -8.89 5.96 -8.14
CA GLN A 182 -9.93 6.95 -8.38
C GLN A 182 -10.86 6.21 -9.34
N LEU A 183 -12.15 6.13 -9.05
CA LEU A 183 -13.09 5.44 -9.92
C LEU A 183 -13.35 6.27 -11.16
N ASN A 184 -14.05 5.66 -12.13
CA ASN A 184 -14.35 6.34 -13.37
C ASN A 184 -15.30 7.47 -13.06
N ASP A 185 -16.15 7.45 -12.02
CA ASP A 185 -16.99 8.61 -11.75
C ASP A 185 -16.21 9.71 -11.01
N GLY A 186 -14.92 9.57 -10.64
CA GLY A 186 -14.22 10.66 -9.96
C GLY A 186 -14.00 10.36 -8.48
N LYS A 187 -14.76 9.46 -7.85
CA LYS A 187 -14.59 9.19 -6.43
C LYS A 187 -13.24 8.56 -6.07
N LEU A 188 -12.69 9.01 -4.95
CA LEU A 188 -11.47 8.40 -4.43
C LEU A 188 -11.86 7.22 -3.57
N VAL A 189 -11.11 6.13 -3.69
CA VAL A 189 -11.37 4.95 -2.91
C VAL A 189 -10.06 4.43 -2.30
N PHE A 190 -10.02 4.39 -0.96
CA PHE A 190 -8.94 3.73 -0.26
C PHE A 190 -9.47 2.35 0.15
N PRO A 191 -8.84 1.23 -0.23
CA PRO A 191 -9.11 -0.08 0.37
C PRO A 191 -8.73 0.06 1.84
N VAL A 192 -9.49 -0.52 2.77
CA VAL A 192 -9.09 -0.44 4.17
C VAL A 192 -9.16 -1.80 4.80
N GLN A 193 -8.48 -1.85 5.92
CA GLN A 193 -8.51 -3.02 6.78
C GLN A 193 -8.98 -2.54 8.15
N MET A 194 -9.71 -3.34 8.94
CA MET A 194 -10.16 -2.87 10.25
C MET A 194 -10.20 -4.00 11.25
N VAL A 195 -9.82 -3.64 12.46
CA VAL A 195 -9.88 -4.51 13.62
C VAL A 195 -11.19 -4.11 14.32
N ARG A 196 -12.01 -5.10 14.64
CA ARG A 196 -13.32 -4.83 15.17
C ARG A 196 -13.23 -4.88 16.67
N THR A 197 -14.16 -4.28 17.38
CA THR A 197 -14.11 -4.43 18.82
C THR A 197 -14.31 -5.89 19.25
N LYS A 198 -13.88 -6.14 20.49
CA LYS A 198 -13.83 -7.47 21.10
C LYS A 198 -15.18 -8.17 21.04
N ASN A 199 -16.34 -7.52 20.97
CA ASN A 199 -17.60 -8.27 21.00
C ASN A 199 -18.05 -8.79 19.62
N ILE A 200 -17.39 -8.36 18.53
CA ILE A 200 -17.76 -8.73 17.17
C ILE A 200 -17.06 -10.06 17.01
N THR A 201 -17.68 -11.07 16.42
CA THR A 201 -16.99 -12.35 16.26
C THR A 201 -15.84 -12.33 15.26
N THR A 202 -15.88 -11.48 14.19
CA THR A 202 -14.73 -11.50 13.31
C THR A 202 -13.74 -10.48 13.82
N VAL A 203 -12.47 -10.83 13.99
CA VAL A 203 -11.51 -9.86 14.47
C VAL A 203 -11.21 -8.76 13.43
N LEU A 204 -11.08 -9.19 12.17
CA LEU A 204 -10.61 -8.33 11.08
C LEU A 204 -11.62 -8.34 9.98
N ASN A 205 -11.77 -7.21 9.30
CA ASN A 205 -12.60 -7.15 8.11
C ASN A 205 -11.93 -6.24 7.12
N THR A 206 -12.37 -6.34 5.87
CA THR A 206 -11.84 -5.48 4.82
C THR A 206 -13.03 -4.69 4.35
N SER A 207 -12.78 -3.49 3.85
CA SER A 207 -13.83 -2.66 3.27
C SER A 207 -13.13 -1.53 2.51
N PHE A 208 -13.76 -0.39 2.29
CA PHE A 208 -13.05 0.74 1.71
C PHE A 208 -13.71 2.01 2.25
N ILE A 209 -13.04 3.15 2.13
CA ILE A 209 -13.63 4.45 2.38
C ILE A 209 -13.61 5.23 1.05
N TYR A 210 -14.57 6.13 0.87
CA TYR A 210 -14.64 6.86 -0.38
C TYR A 210 -14.96 8.34 -0.13
N SER A 211 -14.57 9.17 -1.09
CA SER A 211 -14.76 10.60 -0.99
C SER A 211 -14.82 11.23 -2.39
N THR A 212 -15.52 12.35 -2.53
CA THR A 212 -15.47 13.08 -3.79
C THR A 212 -14.36 14.13 -3.64
N ASP A 213 -14.15 14.75 -2.47
CA ASP A 213 -13.14 15.79 -2.37
C ASP A 213 -11.84 15.45 -1.67
N GLY A 214 -11.65 14.26 -1.10
CA GLY A 214 -10.44 14.02 -0.33
C GLY A 214 -10.57 14.47 1.15
N ILE A 215 -11.65 15.22 1.50
CA ILE A 215 -11.89 15.69 2.87
C ILE A 215 -12.98 14.92 3.64
N THR A 216 -14.20 14.89 3.11
CA THR A 216 -15.25 14.12 3.73
C THR A 216 -15.27 12.73 3.14
N TRP A 217 -15.13 11.75 4.02
CA TRP A 217 -15.07 10.35 3.68
C TRP A 217 -16.27 9.61 4.28
N SER A 218 -16.55 8.49 3.64
CA SER A 218 -17.68 7.66 4.05
C SER A 218 -17.24 6.19 4.07
N LEU A 219 -17.87 5.40 4.93
CA LEU A 219 -17.68 3.95 4.99
C LEU A 219 -18.97 3.39 4.42
N PRO A 220 -18.97 2.38 3.53
CA PRO A 220 -20.18 1.62 3.22
C PRO A 220 -20.74 0.90 4.47
N SER A 221 -21.98 0.44 4.35
CA SER A 221 -22.63 -0.28 5.44
C SER A 221 -22.18 -1.73 5.65
N GLY A 222 -21.67 -2.42 4.62
CA GLY A 222 -21.32 -3.82 4.81
C GLY A 222 -19.83 -4.03 5.06
N TYR A 223 -19.41 -5.26 5.18
CA TYR A 223 -18.01 -5.58 5.48
C TYR A 223 -17.66 -6.81 4.64
N CYS A 224 -16.44 -6.89 4.18
CA CYS A 224 -15.98 -8.08 3.49
C CYS A 224 -15.24 -8.85 4.58
N GLU A 225 -15.14 -10.16 4.47
CA GLU A 225 -14.38 -10.89 5.47
C GLU A 225 -12.90 -10.55 5.35
N GLY A 226 -12.22 -10.80 6.46
CA GLY A 226 -10.92 -10.22 6.70
C GLY A 226 -9.71 -10.94 6.16
N PHE A 227 -9.64 -12.25 6.40
CA PHE A 227 -8.44 -13.04 6.12
C PHE A 227 -7.16 -12.35 6.67
N GLY A 228 -6.14 -12.04 5.85
CA GLY A 228 -4.93 -11.38 6.29
C GLY A 228 -5.03 -9.88 6.08
N SER A 229 -6.26 -9.40 5.87
CA SER A 229 -6.75 -8.03 5.69
C SER A 229 -6.04 -7.04 4.79
N GLU A 230 -4.72 -7.05 4.55
CA GLU A 230 -4.13 -6.11 3.60
C GLU A 230 -4.73 -6.49 2.25
N ASN A 231 -5.11 -5.50 1.46
CA ASN A 231 -5.82 -5.76 0.22
C ASN A 231 -5.75 -4.56 -0.68
N ASN A 232 -6.06 -4.78 -1.97
CA ASN A 232 -6.23 -3.70 -2.94
C ASN A 232 -7.55 -3.91 -3.65
N ILE A 233 -8.09 -2.86 -4.25
CA ILE A 233 -9.36 -2.88 -4.97
C ILE A 233 -9.09 -2.40 -6.39
N ILE A 234 -9.79 -3.01 -7.35
CA ILE A 234 -9.76 -2.59 -8.74
C ILE A 234 -11.21 -2.37 -9.14
N GLU A 235 -11.41 -1.52 -10.14
CA GLU A 235 -12.76 -1.27 -10.60
C GLU A 235 -12.93 -2.19 -11.80
N PHE A 236 -13.98 -3.03 -11.90
CA PHE A 236 -14.19 -3.86 -13.10
C PHE A 236 -15.67 -3.76 -13.49
N ASN A 237 -16.06 -3.01 -14.54
CA ASN A 237 -17.47 -2.77 -14.93
C ASN A 237 -18.26 -2.22 -13.75
N ALA A 238 -17.73 -1.23 -13.05
CA ALA A 238 -18.34 -0.88 -11.76
C ALA A 238 -18.91 -2.06 -10.87
N SER A 239 -18.17 -3.15 -10.89
CA SER A 239 -18.09 -3.88 -9.62
C SER A 239 -16.81 -3.28 -9.04
N LEU A 240 -16.65 -3.43 -7.74
CA LEU A 240 -15.35 -3.17 -7.15
C LEU A 240 -14.93 -4.53 -6.69
N VAL A 241 -13.66 -4.86 -6.92
CA VAL A 241 -13.15 -6.19 -6.65
C VAL A 241 -11.87 -6.01 -5.85
N ASN A 242 -11.77 -6.74 -4.73
CA ASN A 242 -10.56 -6.67 -3.94
C ASN A 242 -9.74 -7.95 -4.08
N ASN A 243 -8.53 -7.87 -3.53
CA ASN A 243 -7.57 -8.96 -3.65
C ASN A 243 -6.78 -8.86 -2.34
N ILE A 244 -7.04 -9.89 -1.52
CA ILE A 244 -6.68 -9.95 -0.11
C ILE A 244 -5.63 -10.98 0.22
N ARG A 245 -4.76 -10.52 1.12
CA ARG A 245 -3.73 -11.34 1.72
C ARG A 245 -4.41 -12.46 2.52
N ASN A 246 -3.82 -13.66 2.45
CA ASN A 246 -4.33 -14.79 3.24
C ASN A 246 -3.19 -15.79 3.41
N SER A 247 -3.12 -16.56 4.51
CA SER A 247 -2.09 -17.59 4.57
C SER A 247 -2.42 -18.61 3.48
N GLY A 248 -1.57 -18.88 2.49
CA GLY A 248 -1.95 -19.85 1.50
C GLY A 248 -2.46 -19.11 0.28
N LEU A 249 -3.64 -19.44 -0.20
CA LEU A 249 -4.15 -18.83 -1.41
C LEU A 249 -4.84 -17.47 -1.12
N ARG A 250 -4.49 -16.48 -1.94
CA ARG A 250 -5.11 -15.15 -1.85
C ARG A 250 -6.60 -15.22 -2.09
N ARG A 251 -7.36 -14.26 -1.55
CA ARG A 251 -8.79 -14.28 -1.75
C ARG A 251 -9.22 -13.05 -2.55
N SER A 252 -10.36 -13.12 -3.25
CA SER A 252 -10.85 -12.01 -4.05
C SER A 252 -12.37 -12.06 -4.05
N PHE A 253 -12.99 -10.93 -3.64
CA PHE A 253 -14.43 -10.76 -3.59
C PHE A 253 -14.84 -9.56 -4.45
N GLU A 254 -16.12 -9.56 -4.80
CA GLU A 254 -16.68 -8.53 -5.64
C GLU A 254 -17.88 -7.85 -4.96
N THR A 255 -18.02 -6.51 -5.06
CA THR A 255 -19.23 -5.83 -4.64
C THR A 255 -19.88 -5.27 -5.91
N LYS A 256 -21.17 -5.55 -6.06
CA LYS A 256 -21.97 -5.02 -7.14
C LYS A 256 -22.85 -3.92 -6.56
N ASP A 257 -22.98 -3.76 -5.22
CA ASP A 257 -23.84 -2.73 -4.61
C ASP A 257 -23.04 -1.73 -3.74
N PHE A 258 -21.86 -1.36 -4.22
CA PHE A 258 -20.95 -0.42 -3.55
C PHE A 258 -20.71 -0.63 -2.05
N GLY A 259 -20.30 -1.84 -1.72
CA GLY A 259 -19.87 -2.17 -0.37
C GLY A 259 -20.92 -2.66 0.62
N LYS A 260 -22.15 -2.88 0.16
CA LYS A 260 -23.15 -3.46 1.04
C LYS A 260 -22.98 -4.99 1.11
N THR A 261 -22.69 -5.77 0.05
CA THR A 261 -22.52 -7.20 0.18
C THR A 261 -21.34 -7.60 -0.71
N TRP A 262 -20.56 -8.62 -0.41
CA TRP A 262 -19.43 -9.02 -1.21
C TRP A 262 -19.60 -10.48 -1.57
N THR A 263 -19.37 -10.96 -2.78
CA THR A 263 -19.38 -12.40 -3.04
C THR A 263 -18.04 -12.78 -3.68
N GLU A 264 -17.56 -14.02 -3.60
CA GLU A 264 -16.28 -14.40 -4.21
C GLU A 264 -16.18 -14.02 -5.70
N PHE A 265 -15.04 -13.49 -6.14
CA PHE A 265 -14.83 -13.17 -7.55
C PHE A 265 -13.98 -14.30 -8.14
N PRO A 266 -14.61 -15.28 -8.84
CA PRO A 266 -13.88 -16.43 -9.36
C PRO A 266 -12.67 -16.11 -10.24
N PRO A 267 -12.59 -15.11 -11.15
CA PRO A 267 -11.41 -14.95 -11.97
C PRO A 267 -10.14 -14.73 -11.14
N MET A 268 -10.20 -14.22 -9.89
CA MET A 268 -8.98 -14.01 -9.10
C MET A 268 -8.98 -14.77 -7.78
N ASP A 269 -10.13 -15.32 -7.37
CA ASP A 269 -10.18 -15.93 -6.06
C ASP A 269 -9.38 -17.23 -6.04
N LYS A 270 -8.49 -17.37 -5.05
CA LYS A 270 -7.65 -18.54 -4.82
C LYS A 270 -6.70 -18.89 -5.97
N LYS A 271 -6.32 -17.88 -6.77
CA LYS A 271 -5.47 -18.13 -7.90
C LYS A 271 -3.97 -18.07 -7.59
N VAL A 272 -3.45 -17.27 -6.65
CA VAL A 272 -2.02 -17.22 -6.36
C VAL A 272 -1.85 -17.70 -4.92
N ASP A 273 -0.76 -18.45 -4.69
CA ASP A 273 -0.44 -19.00 -3.42
C ASP A 273 0.77 -18.28 -2.87
N ASN A 274 0.63 -17.71 -1.68
CA ASN A 274 1.74 -17.01 -1.01
C ASN A 274 2.24 -17.83 0.13
N ARG A 275 1.62 -18.99 0.30
CA ARG A 275 2.00 -20.00 1.27
C ARG A 275 1.97 -19.45 2.70
N ASN A 276 2.78 -19.98 3.61
CA ASN A 276 2.70 -19.67 5.02
C ASN A 276 2.63 -18.22 5.41
N HIS A 277 1.66 -17.85 6.26
CA HIS A 277 1.48 -16.50 6.81
C HIS A 277 0.90 -15.51 5.80
N GLY A 278 1.13 -15.65 4.49
CA GLY A 278 0.66 -14.65 3.56
C GLY A 278 1.63 -13.47 3.47
N VAL A 279 1.42 -12.60 2.46
CA VAL A 279 2.20 -11.39 2.24
C VAL A 279 1.17 -10.40 1.69
N GLN A 280 1.47 -9.11 1.85
CA GLN A 280 0.77 -8.09 1.11
C GLN A 280 1.06 -8.33 -0.39
N GLY A 281 0.11 -7.93 -1.25
CA GLY A 281 0.37 -7.93 -2.69
C GLY A 281 -0.31 -6.72 -3.29
N SER A 282 0.14 -6.35 -4.49
CA SER A 282 -0.36 -5.17 -5.16
C SER A 282 -1.16 -5.68 -6.35
N THR A 283 -2.35 -5.12 -6.59
CA THR A 283 -3.14 -5.56 -7.74
C THR A 283 -3.68 -4.31 -8.39
N ILE A 284 -3.53 -4.16 -9.71
CA ILE A 284 -4.00 -2.97 -10.45
C ILE A 284 -4.59 -3.45 -11.80
N THR A 285 -5.29 -2.57 -12.55
CA THR A 285 -5.71 -2.95 -13.89
C THR A 285 -4.94 -2.14 -14.92
N ILE A 286 -4.82 -2.79 -16.06
CA ILE A 286 -4.19 -2.24 -17.26
C ILE A 286 -5.24 -2.38 -18.37
N PRO A 287 -5.62 -1.27 -19.04
CA PRO A 287 -6.56 -1.30 -20.18
C PRO A 287 -5.91 -2.01 -21.37
N SER A 288 -6.65 -2.81 -22.13
CA SER A 288 -6.08 -3.50 -23.26
C SER A 288 -7.20 -3.40 -24.28
N GLY A 289 -7.08 -2.35 -25.12
CA GLY A 289 -8.09 -2.01 -26.12
C GLY A 289 -9.30 -1.66 -25.33
N ASN A 290 -10.43 -2.31 -25.51
CA ASN A 290 -11.54 -1.90 -24.68
C ASN A 290 -11.76 -2.88 -23.52
N LYS A 291 -10.87 -3.87 -23.35
CA LYS A 291 -10.97 -4.75 -22.21
C LYS A 291 -9.97 -4.30 -21.11
N LEU A 292 -9.90 -5.04 -19.98
CA LEU A 292 -9.02 -4.73 -18.86
C LEU A 292 -8.26 -6.00 -18.51
N VAL A 293 -7.06 -5.88 -17.92
CA VAL A 293 -6.28 -7.05 -17.47
C VAL A 293 -5.83 -6.67 -16.05
N ALA A 294 -5.76 -7.61 -15.13
CA ALA A 294 -5.29 -7.28 -13.79
C ALA A 294 -3.84 -7.70 -13.68
N ALA A 295 -2.95 -6.82 -13.23
CA ALA A 295 -1.54 -7.13 -13.00
C ALA A 295 -1.40 -7.27 -11.48
N HIS A 296 -0.62 -8.25 -10.99
CA HIS A 296 -0.53 -8.48 -9.55
C HIS A 296 0.89 -8.85 -9.14
N SER A 297 1.38 -8.30 -8.02
CA SER A 297 2.66 -8.76 -7.50
C SER A 297 2.52 -9.24 -6.04
N SER A 298 3.16 -10.38 -5.74
CA SER A 298 3.29 -10.86 -4.38
C SER A 298 4.40 -11.91 -4.39
N ALA A 299 4.76 -12.40 -3.20
CA ALA A 299 5.81 -13.40 -3.02
C ALA A 299 5.41 -14.86 -3.22
N GLN A 300 6.20 -15.58 -4.00
CA GLN A 300 6.03 -17.02 -4.12
C GLN A 300 6.30 -17.77 -2.81
N ASN A 301 7.22 -17.27 -1.97
CA ASN A 301 7.53 -17.82 -0.66
C ASN A 301 7.85 -19.32 -0.69
N LYS A 302 8.91 -19.55 -1.46
CA LYS A 302 9.33 -20.94 -1.67
C LYS A 302 9.78 -21.61 -0.35
N ASN A 303 10.27 -20.86 0.66
CA ASN A 303 10.63 -21.49 1.93
C ASN A 303 9.49 -21.71 2.90
N ASN A 304 8.30 -21.27 2.48
CA ASN A 304 7.09 -21.43 3.25
C ASN A 304 7.25 -20.86 4.64
N ASP A 305 7.68 -19.61 4.73
CA ASP A 305 7.89 -19.01 6.05
C ASP A 305 7.91 -17.48 5.92
N TYR A 306 8.50 -16.74 6.87
CA TYR A 306 8.61 -15.30 6.78
C TYR A 306 9.65 -14.75 5.81
N THR A 307 10.41 -15.61 5.12
CA THR A 307 11.42 -15.08 4.23
C THR A 307 10.80 -14.64 2.89
N ARG A 308 9.57 -15.11 2.57
CA ARG A 308 8.80 -14.59 1.43
C ARG A 308 9.64 -14.35 0.16
N SER A 309 10.28 -15.42 -0.31
CA SER A 309 11.16 -15.32 -1.47
C SER A 309 10.36 -15.06 -2.75
N ASP A 310 11.12 -14.67 -3.77
CA ASP A 310 10.55 -14.68 -5.12
C ASP A 310 9.30 -13.82 -5.33
N ILE A 311 9.53 -12.51 -5.19
CA ILE A 311 8.46 -11.56 -5.43
C ILE A 311 8.31 -11.54 -6.95
N SER A 312 7.09 -11.86 -7.35
CA SER A 312 6.72 -12.03 -8.74
C SER A 312 5.53 -11.20 -9.21
N LEU A 313 5.54 -10.96 -10.52
CA LEU A 313 4.51 -10.35 -11.30
C LEU A 313 3.65 -11.42 -12.00
N TYR A 314 2.34 -11.31 -11.92
CA TYR A 314 1.34 -12.20 -12.49
C TYR A 314 0.34 -11.36 -13.28
N ALA A 315 -0.26 -11.98 -14.28
CA ALA A 315 -1.34 -11.38 -15.03
C ALA A 315 -2.53 -12.31 -14.78
N HIS A 316 -3.66 -11.66 -14.62
CA HIS A 316 -4.89 -12.35 -14.34
C HIS A 316 -5.81 -12.02 -15.51
N ASN A 317 -6.26 -13.06 -16.20
CA ASN A 317 -7.27 -12.87 -17.24
C ASN A 317 -8.63 -12.75 -16.52
N LEU A 318 -9.18 -11.54 -16.49
CA LEU A 318 -10.40 -11.21 -15.76
C LEU A 318 -11.63 -11.84 -16.39
N TYR A 319 -11.47 -12.31 -17.64
CA TYR A 319 -12.59 -12.93 -18.35
C TYR A 319 -12.51 -14.45 -18.22
N SER A 320 -11.39 -15.05 -18.52
CA SER A 320 -11.29 -16.48 -18.46
C SER A 320 -10.91 -17.02 -17.11
N GLY A 321 -10.27 -16.21 -16.25
CA GLY A 321 -9.85 -16.69 -14.95
C GLY A 321 -8.47 -17.32 -14.97
N GLU A 322 -7.84 -17.36 -16.15
CA GLU A 322 -6.48 -17.87 -16.30
C GLU A 322 -5.45 -16.98 -15.59
N VAL A 323 -4.36 -17.53 -15.03
CA VAL A 323 -3.34 -16.72 -14.34
C VAL A 323 -2.01 -17.17 -14.92
N LYS A 324 -1.10 -16.24 -15.14
CA LYS A 324 0.19 -16.53 -15.72
C LYS A 324 1.25 -15.78 -14.95
N LEU A 325 2.37 -16.41 -14.59
CA LEU A 325 3.51 -15.72 -14.02
C LEU A 325 4.25 -15.07 -15.17
N ILE A 326 4.34 -13.75 -15.15
CA ILE A 326 4.99 -12.96 -16.18
C ILE A 326 6.47 -12.80 -15.85
N ASP A 327 6.84 -12.54 -14.58
CA ASP A 327 8.24 -12.33 -14.24
C ASP A 327 8.52 -12.50 -12.75
N ASP A 328 9.49 -13.29 -12.34
CA ASP A 328 9.89 -13.34 -10.93
C ASP A 328 10.99 -12.26 -10.83
N PHE A 329 10.58 -11.04 -10.49
CA PHE A 329 11.50 -9.93 -10.58
C PHE A 329 12.41 -9.81 -9.37
N TYR A 330 12.12 -10.45 -8.25
CA TYR A 330 13.12 -10.49 -7.19
C TYR A 330 13.21 -11.94 -6.70
N PRO A 331 14.02 -12.80 -7.35
CA PRO A 331 13.99 -14.25 -7.18
C PRO A 331 14.95 -14.66 -6.05
N LYS A 332 14.79 -13.99 -4.91
CA LYS A 332 15.71 -14.12 -3.80
C LYS A 332 14.88 -14.30 -2.53
N VAL A 333 15.50 -14.96 -1.56
CA VAL A 333 14.96 -15.16 -0.23
C VAL A 333 15.09 -13.82 0.49
N GLY A 334 14.00 -13.41 1.13
CA GLY A 334 14.05 -12.10 1.77
C GLY A 334 14.51 -12.24 3.22
N ASN A 335 14.65 -11.08 3.85
CA ASN A 335 15.06 -11.03 5.23
C ASN A 335 13.85 -11.32 6.13
N ALA A 336 13.90 -12.35 6.98
CA ALA A 336 12.74 -12.73 7.80
C ALA A 336 12.34 -11.65 8.81
N SER A 337 13.24 -10.70 9.09
CA SER A 337 12.83 -9.50 9.85
C SER A 337 11.73 -8.67 9.23
N GLY A 338 11.51 -8.76 7.91
CA GLY A 338 10.45 -8.01 7.25
C GLY A 338 10.79 -8.02 5.77
N ALA A 339 10.03 -8.81 5.04
CA ALA A 339 10.32 -9.01 3.63
C ALA A 339 9.04 -9.15 2.80
N GLY A 340 9.22 -9.03 1.48
CA GLY A 340 8.23 -9.49 0.52
C GLY A 340 7.19 -8.50 0.02
N TYR A 341 7.05 -7.30 0.60
CA TYR A 341 6.00 -6.37 0.16
C TYR A 341 6.38 -5.68 -1.15
N SER A 342 5.36 -5.22 -1.89
CA SER A 342 5.58 -4.60 -3.19
C SER A 342 4.47 -3.62 -3.59
N CYS A 343 4.73 -2.82 -4.60
CA CYS A 343 3.68 -1.97 -5.12
C CYS A 343 4.00 -1.71 -6.60
N LEU A 344 2.96 -1.98 -7.39
CA LEU A 344 2.97 -1.74 -8.82
C LEU A 344 2.39 -0.33 -9.14
N SER A 345 2.81 0.22 -10.28
CA SER A 345 2.21 1.46 -10.74
C SER A 345 2.23 1.48 -12.28
N TYR A 346 1.03 1.59 -12.84
CA TYR A 346 0.89 1.66 -14.29
C TYR A 346 0.38 3.04 -14.64
N ARG A 347 0.93 3.62 -15.71
CA ARG A 347 0.43 4.88 -16.19
C ARG A 347 0.57 4.96 -17.70
N LYS A 348 -0.42 5.55 -18.34
CA LYS A 348 -0.22 5.90 -19.73
C LYS A 348 -0.39 7.43 -19.78
N ASN A 349 0.71 8.08 -20.15
CA ASN A 349 0.76 9.54 -20.26
C ASN A 349 0.95 9.85 -21.71
N VAL A 350 -0.11 10.47 -22.23
CA VAL A 350 -0.26 10.79 -23.67
C VAL A 350 -0.11 9.43 -24.35
N ASP A 351 1.01 9.02 -24.96
CA ASP A 351 1.01 7.71 -25.60
C ASP A 351 2.08 6.79 -24.95
N LYS A 352 2.72 7.24 -23.87
CA LYS A 352 3.78 6.48 -23.18
C LYS A 352 3.21 5.70 -22.01
N GLU A 353 3.29 4.38 -22.10
CA GLU A 353 2.85 3.46 -21.03
C GLU A 353 4.04 2.99 -20.21
N THR A 354 3.94 3.06 -18.89
CA THR A 354 5.01 2.59 -18.01
C THR A 354 4.44 1.61 -17.00
N LEU A 355 5.15 0.56 -16.67
CA LEU A 355 4.74 -0.31 -15.59
C LEU A 355 5.95 -0.42 -14.68
N TYR A 356 5.84 0.11 -13.44
CA TYR A 356 6.95 0.09 -12.50
C TYR A 356 6.59 -0.72 -11.25
N VAL A 357 7.62 -1.19 -10.52
CA VAL A 357 7.42 -1.93 -9.26
C VAL A 357 8.46 -1.39 -8.28
N VAL A 358 8.04 -1.36 -7.02
CA VAL A 358 8.94 -1.02 -5.92
C VAL A 358 8.71 -2.21 -4.98
N TYR A 359 9.76 -2.69 -4.30
CA TYR A 359 9.65 -3.83 -3.41
C TYR A 359 10.76 -3.83 -2.35
N GLU A 360 10.54 -4.65 -1.33
CA GLU A 360 11.47 -4.85 -0.20
C GLU A 360 12.57 -5.82 -0.61
N ALA A 361 13.79 -5.36 -0.35
CA ALA A 361 14.99 -6.08 -0.71
C ALA A 361 16.00 -6.00 0.44
N ASN A 362 15.97 -6.99 1.32
CA ASN A 362 16.80 -7.06 2.52
C ASN A 362 17.00 -5.75 3.32
N GLY A 363 15.88 -5.13 3.69
CA GLY A 363 15.89 -3.87 4.39
C GLY A 363 15.89 -2.65 3.51
N SER A 364 16.26 -2.74 2.22
CA SER A 364 16.23 -1.61 1.29
C SER A 364 14.94 -1.65 0.44
N ILE A 365 14.60 -0.57 -0.26
CA ILE A 365 13.49 -0.56 -1.19
C ILE A 365 14.11 -0.45 -2.57
N GLU A 366 13.81 -1.37 -3.45
CA GLU A 366 14.31 -1.30 -4.80
C GLU A 366 13.21 -0.96 -5.79
N PHE A 367 13.60 -0.40 -6.94
CA PHE A 367 12.74 0.01 -8.03
C PHE A 367 13.11 -0.82 -9.27
N GLN A 368 12.10 -1.28 -10.04
CA GLN A 368 12.38 -1.87 -11.34
C GLN A 368 11.39 -1.39 -12.38
N ASP A 369 11.92 -1.14 -13.57
CA ASP A 369 11.04 -0.86 -14.69
C ASP A 369 10.69 -2.19 -15.37
N LEU A 370 9.39 -2.46 -15.35
CA LEU A 370 8.85 -3.66 -15.96
C LEU A 370 8.05 -3.45 -17.24
N SER A 371 8.12 -2.25 -17.81
CA SER A 371 7.39 -1.91 -19.03
C SER A 371 7.61 -2.88 -20.18
N ARG A 372 8.75 -3.58 -20.26
CA ARG A 372 8.97 -4.50 -21.37
C ARG A 372 7.97 -5.64 -21.32
N HIS A 373 7.33 -5.88 -20.18
CA HIS A 373 6.37 -6.98 -20.09
C HIS A 373 4.97 -6.56 -20.50
N LEU A 374 4.68 -5.28 -20.73
CA LEU A 374 3.33 -4.86 -21.06
C LEU A 374 2.70 -5.58 -22.27
N PRO A 375 3.39 -5.85 -23.40
CA PRO A 375 2.81 -6.63 -24.49
C PRO A 375 2.24 -7.96 -23.99
N VAL A 376 2.94 -8.63 -23.08
CA VAL A 376 2.52 -9.96 -22.67
C VAL A 376 1.35 -9.81 -21.74
N ILE A 377 1.37 -8.89 -20.78
CA ILE A 377 0.25 -8.71 -19.87
C ILE A 377 -1.00 -8.28 -20.65
N LYS A 378 -0.88 -7.36 -21.62
CA LYS A 378 -2.01 -6.79 -22.36
C LYS A 378 -2.67 -7.81 -23.26
N SER A 379 -1.96 -8.92 -23.56
CA SER A 379 -2.53 -9.98 -24.39
C SER A 379 -3.39 -10.88 -23.53
N TYR A 380 -3.35 -10.85 -22.20
CA TYR A 380 -4.10 -11.81 -21.39
C TYR A 380 -5.57 -11.40 -21.08
N ASN A 381 -6.41 -11.41 -22.10
CA ASN A 381 -7.82 -11.03 -21.99
C ASN A 381 -8.60 -11.82 -23.00
C1 DAN B . 4.15 -8.16 7.91
C2 DAN B . 3.54 -7.05 8.51
C3 DAN B . 3.93 -5.76 8.14
C4 DAN B . 3.10 -4.54 8.55
C5 DAN B . 2.25 -4.89 9.78
C6 DAN B . 1.45 -6.17 9.45
C7 DAN B . 0.54 -6.60 10.58
C8 DAN B . -0.14 -7.93 10.18
C9 DAN B . -1.06 -8.42 11.33
C10 DAN B . 1.10 -3.33 11.28
C11 DAN B . 0.36 -2.01 11.41
N5 DAN B . 1.41 -3.73 10.05
O1A DAN B . 5.25 -8.14 7.38
O1B DAN B . 3.53 -9.23 7.85
O4 DAN B . 3.89 -3.41 8.88
O6 DAN B . 2.38 -7.24 9.26
O7 DAN B . 1.36 -6.73 11.74
O8 DAN B . -0.89 -7.73 8.96
O9 DAN B . -2.11 -7.50 11.55
O10 DAN B . 1.33 -4.05 12.27
#